data_8Q0E
#
_entry.id   8Q0E
#
_cell.length_a   46.414
_cell.length_b   52.284
_cell.length_c   305.802
_cell.angle_alpha   90.00
_cell.angle_beta   90.00
_cell.angle_gamma   90.00
#
_symmetry.space_group_name_H-M   'P 21 21 21'
#
_entity_poly.entity_id   1
_entity_poly.type   'polypeptide(L)'
_entity_poly.pdbx_seq_one_letter_code
;MRKTRYIQEGTVSLALLPALVVSAGIPLHNRKAQINTPCDASHYAAAVADNAVSAFEQALGRAQDATVAANKLHLLASKL
AGAQKAATTILAAAAGAAAADAIQKIAAATPNFAKGFAALNEIKGGQIIVDEMLKSKIEDAATVAAASSTSGATIVKIKP
KLQPATKRACHDEQGKPTKTQDKAVEVAGDITLTLFSLKAETPGTTTDQKLTLCGHGSPSQDPATASCQNSQANLGIKGG
SFIVKHQMQTTRTTTGATASYSAIASEDTVPNGDTITAQLTEIAKLENAVQALQNVHESAEAKSLAGKSDIKEVVARALA
GETASYADTKIQKQVDGFLEAVFGKDASTVTGVIVKELKDLIPPKVAFSGAGNTKLEEITDPNQIADATTYYTVRSYIAD
QEEKNKSSTSPSCTTKTEKAKEPAKTTDECKKHTTNDACKKEKGCDFDEKKDPKCFPKVETEKKDEKSFSSNLRVSVPQV
FAAFAALLF
;
_entity_poly.pdbx_strand_id   A,B
#
# COMPACT_ATOMS: atom_id res chain seq x y z
N ALA A 33 1.81 20.53 5.73
CA ALA A 33 2.60 19.30 5.75
C ALA A 33 2.94 18.90 7.19
N GLN A 34 1.91 18.82 8.03
CA GLN A 34 2.08 18.43 9.42
C GLN A 34 2.07 16.89 9.56
N ILE A 35 3.05 16.27 8.92
CA ILE A 35 3.14 14.82 8.85
C ILE A 35 4.01 14.37 10.03
N ASN A 36 3.36 13.89 11.09
CA ASN A 36 4.05 13.41 12.28
C ASN A 36 4.03 11.90 12.44
N THR A 37 3.04 11.23 11.88
CA THR A 37 2.87 9.79 11.98
C THR A 37 2.60 9.22 10.60
N PRO A 38 2.90 7.93 10.38
CA PRO A 38 2.67 7.35 9.05
C PRO A 38 1.24 7.47 8.58
N CYS A 39 0.26 7.42 9.49
CA CYS A 39 -1.13 7.60 9.10
C CYS A 39 -1.34 8.96 8.46
N ASP A 40 -0.62 9.98 8.95
CA ASP A 40 -0.73 11.31 8.34
C ASP A 40 -0.21 11.30 6.92
N ALA A 41 0.87 10.57 6.66
CA ALA A 41 1.39 10.48 5.30
C ALA A 41 0.43 9.73 4.39
N SER A 42 -0.23 8.70 4.92
CA SER A 42 -1.19 7.96 4.09
C SER A 42 -2.39 8.84 3.75
N HIS A 43 -2.86 9.64 4.72
CA HIS A 43 -3.96 10.56 4.41
C HIS A 43 -3.52 11.66 3.45
N TYR A 44 -2.24 12.08 3.52
CA TYR A 44 -1.75 13.05 2.54
C TYR A 44 -1.72 12.45 1.14
N ALA A 45 -1.34 11.18 1.03
CA ALA A 45 -1.43 10.51 -0.26
C ALA A 45 -2.87 10.40 -0.72
N ALA A 46 -3.80 10.21 0.21
CA ALA A 46 -5.21 10.19 -0.15
C ALA A 46 -5.65 11.54 -0.71
N ALA A 47 -5.16 12.63 -0.12
CA ALA A 47 -5.52 13.96 -0.62
C ALA A 47 -4.94 14.20 -2.01
N VAL A 48 -3.71 13.75 -2.26
CA VAL A 48 -3.12 13.91 -3.57
C VAL A 48 -3.90 13.10 -4.60
N ALA A 49 -4.33 11.89 -4.23
CA ALA A 49 -5.13 11.07 -5.12
C ALA A 49 -6.48 11.72 -5.40
N ASP A 50 -7.05 12.39 -4.39
CA ASP A 50 -8.32 13.07 -4.61
C ASP A 50 -8.17 14.21 -5.61
N ASN A 51 -7.11 15.00 -5.49
CA ASN A 51 -6.90 16.08 -6.45
C ASN A 51 -6.66 15.53 -7.85
N ALA A 52 -5.95 14.40 -7.95
CA ALA A 52 -5.69 13.83 -9.27
C ALA A 52 -6.98 13.34 -9.93
N VAL A 53 -7.81 12.62 -9.17
CA VAL A 53 -9.08 12.16 -9.74
C VAL A 53 -9.98 13.33 -10.09
N SER A 54 -9.94 14.41 -9.30
CA SER A 54 -10.76 15.56 -9.63
C SER A 54 -10.30 16.21 -10.94
N ALA A 55 -8.98 16.27 -11.16
CA ALA A 55 -8.49 16.84 -12.42
C ALA A 55 -8.90 15.98 -13.61
N PHE A 56 -8.84 14.65 -13.45
CA PHE A 56 -9.25 13.78 -14.54
C PHE A 56 -10.73 13.94 -14.85
N GLU A 57 -11.56 14.01 -13.81
CA GLU A 57 -13.00 14.18 -14.04
C GLU A 57 -13.32 15.54 -14.64
N GLN A 58 -12.56 16.58 -14.28
CA GLN A 58 -12.78 17.88 -14.90
C GLN A 58 -12.45 17.84 -16.39
N ALA A 59 -11.37 17.15 -16.75
CA ALA A 59 -11.05 17.05 -18.18
C ALA A 59 -12.11 16.26 -18.93
N LEU A 60 -12.62 15.18 -18.33
CA LEU A 60 -13.67 14.42 -18.98
C LEU A 60 -14.95 15.23 -19.13
N GLY A 61 -15.23 16.08 -18.14
CA GLY A 61 -16.40 16.94 -18.25
C GLY A 61 -16.25 17.99 -19.32
N ARG A 62 -15.05 18.54 -19.47
CA ARG A 62 -14.82 19.49 -20.55
C ARG A 62 -14.98 18.83 -21.92
N ALA A 63 -14.53 17.58 -22.04
CA ALA A 63 -14.72 16.88 -23.31
C ALA A 63 -16.21 16.63 -23.57
N GLN A 64 -16.96 16.25 -22.53
CA GLN A 64 -18.39 16.03 -22.72
C GLN A 64 -19.11 17.32 -23.10
N ASP A 65 -18.70 18.44 -22.51
CA ASP A 65 -19.34 19.71 -22.85
C ASP A 65 -19.02 20.11 -24.29
N ALA A 66 -17.79 19.88 -24.73
CA ALA A 66 -17.46 20.21 -26.12
C ALA A 66 -18.25 19.34 -27.10
N THR A 67 -18.41 18.06 -26.78
CA THR A 67 -19.16 17.19 -27.70
C THR A 67 -20.65 17.56 -27.73
N VAL A 68 -21.24 17.85 -26.57
CA VAL A 68 -22.64 18.22 -26.53
C VAL A 68 -22.85 19.54 -27.27
N ALA A 69 -21.92 20.48 -27.10
CA ALA A 69 -22.04 21.75 -27.80
C ALA A 69 -21.91 21.57 -29.31
N ALA A 70 -21.04 20.65 -29.75
CA ALA A 70 -20.90 20.43 -31.19
C ALA A 70 -22.17 19.84 -31.79
N ASN A 71 -22.75 18.84 -31.11
CA ASN A 71 -23.97 18.23 -31.64
C ASN A 71 -25.12 19.23 -31.67
N LYS A 72 -25.33 19.96 -30.57
CA LYS A 72 -26.46 20.89 -30.52
C LYS A 72 -26.25 22.06 -31.48
N LEU A 73 -25.01 22.53 -31.63
CA LEU A 73 -24.76 23.63 -32.57
C LEU A 73 -25.00 23.19 -34.00
N HIS A 74 -24.65 21.94 -34.35
CA HIS A 74 -24.93 21.44 -35.68
C HIS A 74 -26.43 21.35 -35.91
N LEU A 75 -27.16 20.76 -34.96
CA LEU A 75 -28.59 20.59 -35.15
C LEU A 75 -29.33 21.92 -35.21
N LEU A 76 -28.85 22.94 -34.47
CA LEU A 76 -29.47 24.25 -34.58
C LEU A 76 -29.11 24.93 -35.90
N ALA A 77 -27.85 24.78 -36.33
CA ALA A 77 -27.45 25.40 -37.60
C ALA A 77 -28.22 24.82 -38.76
N SER A 78 -28.66 23.56 -38.65
CA SER A 78 -29.39 22.95 -39.77
C SER A 78 -30.71 23.69 -40.03
N LYS A 79 -31.35 24.23 -39.00
CA LYS A 79 -32.64 24.90 -39.15
C LYS A 79 -32.52 26.41 -39.26
N LEU A 80 -31.30 26.97 -39.27
CA LEU A 80 -31.13 28.41 -39.41
C LEU A 80 -31.14 28.81 -40.89
N ALA A 81 -30.61 29.99 -41.20
CA ALA A 81 -30.57 30.45 -42.58
C ALA A 81 -29.48 31.49 -42.75
N GLY A 82 -28.89 31.52 -43.96
CA GLY A 82 -28.01 32.60 -44.35
C GLY A 82 -26.66 32.62 -43.66
N ALA A 83 -26.07 33.83 -43.60
CA ALA A 83 -24.74 33.98 -43.03
C ALA A 83 -24.71 33.59 -41.56
N GLN A 84 -25.83 33.74 -40.85
CA GLN A 84 -25.88 33.25 -39.48
C GLN A 84 -25.83 31.73 -39.42
N LYS A 85 -26.43 31.05 -40.40
CA LYS A 85 -26.27 29.60 -40.51
C LYS A 85 -24.81 29.24 -40.77
N ALA A 86 -24.14 30.05 -41.57
CA ALA A 86 -22.72 29.80 -41.83
C ALA A 86 -21.89 29.97 -40.56
N ALA A 87 -22.15 31.05 -39.80
CA ALA A 87 -21.39 31.28 -38.57
C ALA A 87 -21.68 30.22 -37.53
N THR A 88 -22.92 29.72 -37.48
CA THR A 88 -23.24 28.66 -36.54
C THR A 88 -22.53 27.36 -36.92
N THR A 89 -22.43 27.06 -38.22
CA THR A 89 -21.65 25.88 -38.62
C THR A 89 -20.16 26.05 -38.34
N ILE A 90 -19.64 27.28 -38.44
CA ILE A 90 -18.24 27.49 -38.10
C ILE A 90 -18.02 27.23 -36.61
N LEU A 91 -18.94 27.71 -35.77
CA LEU A 91 -18.82 27.43 -34.34
C LEU A 91 -18.96 25.94 -34.04
N ALA A 92 -19.85 25.26 -34.75
CA ALA A 92 -20.02 23.82 -34.52
C ALA A 92 -18.78 23.04 -34.92
N ALA A 93 -18.13 23.45 -36.01
CA ALA A 93 -16.90 22.78 -36.43
C ALA A 93 -15.78 23.04 -35.43
N ALA A 94 -15.70 24.27 -34.90
CA ALA A 94 -14.69 24.54 -33.88
C ALA A 94 -14.94 23.74 -32.62
N ALA A 95 -16.22 23.57 -32.25
CA ALA A 95 -16.55 22.78 -31.08
C ALA A 95 -16.20 21.31 -31.27
N GLY A 96 -16.42 20.79 -32.48
CA GLY A 96 -16.05 19.39 -32.73
C GLY A 96 -14.55 19.19 -32.74
N ALA A 97 -13.81 20.16 -33.27
CA ALA A 97 -12.35 20.08 -33.20
C ALA A 97 -11.87 20.14 -31.77
N ALA A 98 -12.50 20.97 -30.93
CA ALA A 98 -12.12 21.04 -29.53
C ALA A 98 -12.41 19.73 -28.82
N ALA A 99 -13.54 19.08 -29.15
CA ALA A 99 -13.88 17.81 -28.51
C ALA A 99 -12.89 16.73 -28.90
N ALA A 100 -12.53 16.66 -30.18
CA ALA A 100 -11.57 15.65 -30.62
C ALA A 100 -10.21 15.88 -29.99
N ASP A 101 -9.75 17.14 -29.94
CA ASP A 101 -8.45 17.42 -29.33
C ASP A 101 -8.45 17.10 -27.84
N ALA A 102 -9.56 17.35 -27.15
CA ALA A 102 -9.62 17.07 -25.72
C ALA A 102 -9.60 15.58 -25.45
N ILE A 103 -10.38 14.81 -26.22
CA ILE A 103 -10.36 13.36 -26.02
C ILE A 103 -8.99 12.79 -26.37
N GLN A 104 -8.32 13.35 -27.37
CA GLN A 104 -6.99 12.88 -27.71
C GLN A 104 -6.01 13.14 -26.57
N LYS A 105 -6.04 14.34 -26.00
CA LYS A 105 -5.12 14.66 -24.91
C LYS A 105 -5.42 13.81 -23.68
N ILE A 106 -6.70 13.52 -23.41
CA ILE A 106 -7.03 12.72 -22.24
C ILE A 106 -6.57 11.28 -22.43
N ALA A 107 -6.80 10.72 -23.63
CA ALA A 107 -6.35 9.37 -23.90
C ALA A 107 -4.83 9.28 -23.89
N ALA A 108 -4.13 10.34 -24.30
CA ALA A 108 -2.68 10.33 -24.23
C ALA A 108 -2.19 10.38 -22.78
N ALA A 109 -2.91 11.11 -21.91
CA ALA A 109 -2.49 11.25 -20.53
C ALA A 109 -2.91 10.09 -19.63
N THR A 110 -3.83 9.23 -20.09
CA THR A 110 -4.33 8.15 -19.23
C THR A 110 -3.25 7.21 -18.70
N PRO A 111 -2.32 6.67 -19.51
CA PRO A 111 -1.44 5.61 -19.00
C PRO A 111 -0.57 6.02 -17.82
N ASN A 112 0.19 7.11 -17.96
CA ASN A 112 1.06 7.55 -16.86
C ASN A 112 0.25 7.98 -15.66
N PHE A 113 -0.96 8.51 -15.88
CA PHE A 113 -1.84 8.84 -14.78
C PHE A 113 -2.17 7.60 -13.97
N ALA A 114 -2.58 6.52 -14.65
CA ALA A 114 -2.91 5.30 -13.93
C ALA A 114 -1.69 4.71 -13.23
N LYS A 115 -0.51 4.83 -13.87
CA LYS A 115 0.71 4.28 -13.29
C LYS A 115 1.06 4.99 -11.98
N GLY A 116 1.07 6.32 -12.00
CA GLY A 116 1.40 7.06 -10.80
C GLY A 116 0.32 6.97 -9.75
N PHE A 117 -0.94 6.85 -10.16
CA PHE A 117 -2.02 6.64 -9.20
C PHE A 117 -1.85 5.32 -8.47
N ALA A 118 -1.46 4.28 -9.20
CA ALA A 118 -1.23 2.98 -8.58
C ALA A 118 -0.05 3.04 -7.61
N ALA A 119 1.06 3.65 -8.03
CA ALA A 119 2.21 3.74 -7.12
C ALA A 119 1.90 4.58 -5.88
N LEU A 120 1.09 5.64 -6.04
CA LEU A 120 0.72 6.46 -4.90
C LEU A 120 -0.12 5.67 -3.90
N ASN A 121 -1.08 4.89 -4.39
CA ASN A 121 -1.86 4.08 -3.47
C ASN A 121 -1.04 2.95 -2.86
N GLU A 122 0.00 2.48 -3.56
CA GLU A 122 0.90 1.51 -2.94
C GLU A 122 1.66 2.14 -1.77
N ILE A 123 2.13 3.37 -1.94
CA ILE A 123 2.78 4.06 -0.83
C ILE A 123 1.79 4.28 0.31
N LYS A 124 0.53 4.54 -0.02
CA LYS A 124 -0.46 4.79 1.03
C LYS A 124 -0.72 3.51 1.84
N GLY A 125 -0.85 2.37 1.16
CA GLY A 125 -1.04 1.13 1.88
C GLY A 125 0.18 0.70 2.67
N GLY A 126 1.37 0.95 2.13
CA GLY A 126 2.58 0.63 2.86
C GLY A 126 2.72 1.48 4.11
N GLN A 127 2.33 2.76 4.03
CA GLN A 127 2.32 3.59 5.23
C GLN A 127 1.28 3.12 6.23
N ILE A 128 0.14 2.59 5.75
CA ILE A 128 -0.84 2.02 6.69
C ILE A 128 -0.22 0.88 7.48
N ILE A 129 0.48 -0.02 6.77
CA ILE A 129 1.07 -1.18 7.45
C ILE A 129 2.19 -0.76 8.39
N VAL A 130 3.05 0.17 7.96
CA VAL A 130 4.14 0.59 8.85
C VAL A 130 3.59 1.34 10.07
N ASP A 131 2.44 2.02 9.92
CA ASP A 131 1.85 2.68 11.08
C ASP A 131 1.30 1.66 12.07
N GLU A 132 0.56 0.67 11.57
CA GLU A 132 0.02 -0.31 12.51
C GLU A 132 1.10 -1.22 13.09
N MET A 133 2.26 -1.32 12.44
CA MET A 133 3.34 -2.16 12.95
C MET A 133 4.17 -1.49 14.04
N LEU A 134 4.11 -0.16 14.17
CA LEU A 134 4.94 0.53 15.16
C LEU A 134 4.55 0.19 16.59
N LYS A 135 3.32 -0.24 16.82
CA LYS A 135 2.84 -0.56 18.16
C LYS A 135 3.19 -1.96 18.61
N SER A 136 3.91 -2.73 17.78
CA SER A 136 4.42 -4.04 18.18
C SER A 136 5.43 -3.90 19.32
N LYS A 137 5.52 -4.94 20.14
CA LYS A 137 6.46 -4.90 21.27
C LYS A 137 6.84 -6.30 21.68
N ILE A 138 7.83 -6.39 22.57
CA ILE A 138 8.25 -7.62 23.21
C ILE A 138 7.76 -7.57 24.65
N GLU A 139 6.81 -8.44 25.01
CA GLU A 139 6.24 -8.38 26.35
C GLU A 139 7.30 -8.67 27.41
N ASP A 140 7.24 -7.92 28.51
CA ASP A 140 8.07 -8.21 29.66
C ASP A 140 7.64 -9.53 30.28
N ALA A 141 8.61 -10.26 30.83
CA ALA A 141 8.36 -11.50 31.55
C ALA A 141 8.54 -11.30 33.04
N ALA A 142 7.60 -11.84 33.82
CA ALA A 142 7.73 -11.80 35.28
C ALA A 142 8.90 -12.67 35.73
N THR A 143 9.59 -12.21 36.76
CA THR A 143 10.76 -12.95 37.26
C THR A 143 10.34 -14.28 37.88
N VAL A 144 11.20 -15.28 37.70
CA VAL A 144 10.97 -16.62 38.22
C VAL A 144 12.25 -17.08 38.91
N ALA A 145 12.11 -18.09 39.76
CA ALA A 145 13.27 -18.67 40.43
C ALA A 145 14.24 -19.23 39.39
N ALA A 146 15.53 -19.03 39.64
CA ALA A 146 16.54 -19.38 38.62
C ALA A 146 16.54 -20.87 38.33
N ALA A 147 16.29 -21.71 39.34
CA ALA A 147 16.22 -23.14 39.11
C ALA A 147 15.04 -23.51 38.22
N SER A 148 13.96 -22.76 38.29
CA SER A 148 12.76 -23.01 37.49
C SER A 148 12.63 -21.93 36.43
N SER A 149 13.67 -21.74 35.63
CA SER A 149 13.66 -20.74 34.56
C SER A 149 14.19 -21.26 33.22
N THR A 150 15.12 -22.20 33.17
CA THR A 150 15.61 -22.80 31.93
C THR A 150 14.87 -24.07 31.54
N SER A 151 13.89 -24.51 32.33
CA SER A 151 13.13 -25.72 32.03
C SER A 151 11.76 -25.64 32.67
N GLY A 152 10.85 -26.48 32.15
CA GLY A 152 9.50 -26.54 32.64
C GLY A 152 8.61 -25.47 32.03
N ALA A 153 7.37 -25.42 32.50
CA ALA A 153 6.43 -24.40 32.06
C ALA A 153 6.87 -23.00 32.48
N THR A 154 7.72 -22.90 33.50
CA THR A 154 8.18 -21.62 34.03
C THR A 154 9.37 -21.05 33.28
N ILE A 155 9.64 -21.54 32.06
CA ILE A 155 10.76 -21.00 31.29
C ILE A 155 10.51 -19.53 30.97
N VAL A 156 11.59 -18.76 30.94
CA VAL A 156 11.52 -17.32 30.67
C VAL A 156 11.41 -17.11 29.16
N LYS A 157 10.19 -17.22 28.64
CA LYS A 157 9.97 -17.07 27.21
C LYS A 157 10.05 -15.60 26.79
N ILE A 158 10.40 -15.39 25.53
CA ILE A 158 10.32 -14.09 24.88
C ILE A 158 9.02 -14.06 24.07
N LYS A 159 8.08 -13.21 24.47
CA LYS A 159 6.75 -13.24 23.87
C LYS A 159 6.55 -12.03 22.97
N PRO A 160 6.40 -12.24 21.65
CA PRO A 160 5.97 -11.14 20.77
C PRO A 160 4.56 -10.66 21.10
N LYS A 161 4.33 -9.38 20.86
CA LYS A 161 3.00 -8.78 21.05
C LYS A 161 2.68 -7.89 19.87
N LEU A 162 1.65 -8.26 19.12
CA LEU A 162 1.08 -7.43 18.06
C LEU A 162 -0.12 -6.68 18.59
N GLN A 163 -0.27 -5.43 18.17
CA GLN A 163 -1.32 -4.54 18.66
C GLN A 163 -2.06 -3.93 17.48
N PRO A 164 -2.97 -4.67 16.86
CA PRO A 164 -3.78 -4.12 15.77
C PRO A 164 -4.68 -3.01 16.28
N ALA A 165 -4.99 -2.07 15.37
CA ALA A 165 -5.83 -0.94 15.71
C ALA A 165 -7.22 -1.41 16.16
N THR A 166 -7.84 -0.61 17.03
CA THR A 166 -9.07 -1.02 17.69
C THR A 166 -10.18 -1.32 16.69
N LYS A 167 -10.16 -0.68 15.53
CA LYS A 167 -11.16 -0.96 14.49
C LYS A 167 -10.57 -0.74 13.10
N ARG A 168 -10.79 0.45 12.55
CA ARG A 168 -10.33 0.80 11.21
C ARG A 168 -8.96 1.45 11.32
N ALA A 169 -7.93 0.76 10.81
CA ALA A 169 -6.57 1.26 10.90
C ALA A 169 -6.41 2.55 10.09
N CYS A 170 -5.56 3.44 10.60
CA CYS A 170 -5.29 4.73 9.95
C CYS A 170 -6.56 5.56 9.77
N HIS A 171 -7.40 5.58 10.79
CA HIS A 171 -8.63 6.38 10.76
C HIS A 171 -8.73 7.25 12.01
N THR A 192 7.88 19.17 0.10
CA THR A 192 8.71 18.32 0.94
C THR A 192 7.88 17.23 1.62
N LEU A 193 7.58 16.19 0.86
CA LEU A 193 6.76 15.10 1.37
C LEU A 193 7.53 14.27 2.40
N THR A 194 6.79 13.78 3.41
CA THR A 194 7.36 13.00 4.49
C THR A 194 6.75 11.60 4.47
N LEU A 195 7.61 10.58 4.63
CA LEU A 195 7.21 9.19 4.71
C LEU A 195 7.92 8.54 5.89
N PHE A 196 7.60 7.28 6.16
CA PHE A 196 8.12 6.62 7.34
C PHE A 196 8.48 5.18 7.02
N SER A 197 9.25 4.58 7.93
CA SER A 197 9.83 3.26 7.73
C SER A 197 9.99 2.59 9.09
N LEU A 198 10.16 1.27 9.07
CA LEU A 198 10.30 0.46 10.26
C LEU A 198 11.77 0.16 10.51
N LYS A 199 12.29 0.58 11.66
CA LYS A 199 13.66 0.27 12.05
C LYS A 199 13.65 -0.69 13.24
N ALA A 200 14.68 -1.54 13.33
CA ALA A 200 14.82 -2.40 14.50
C ALA A 200 15.39 -1.60 15.67
N GLU A 201 14.70 -1.67 16.80
CA GLU A 201 15.17 -0.96 17.99
C GLU A 201 16.45 -1.57 18.52
N THR A 202 17.38 -0.71 18.93
CA THR A 202 18.61 -1.19 19.56
C THR A 202 18.34 -1.59 21.00
N PRO A 203 18.76 -2.78 21.43
CA PRO A 203 18.58 -3.16 22.84
C PRO A 203 19.46 -2.35 23.78
N GLY A 204 19.04 -2.32 25.05
CA GLY A 204 19.73 -1.53 26.05
C GLY A 204 21.08 -2.11 26.43
N THR A 205 21.85 -1.31 27.17
CA THR A 205 23.24 -1.61 27.49
C THR A 205 23.52 -1.80 28.98
N THR A 206 22.50 -1.91 29.82
CA THR A 206 22.70 -2.11 31.26
C THR A 206 21.52 -2.89 31.82
N THR A 207 21.42 -2.91 33.16
CA THR A 207 20.38 -3.67 33.85
C THR A 207 18.99 -3.16 33.49
N ASP A 208 18.60 -2.01 34.08
CA ASP A 208 17.26 -1.47 33.87
C ASP A 208 17.25 -0.68 32.55
N GLN A 209 17.07 -1.43 31.47
CA GLN A 209 17.05 -0.88 30.12
C GLN A 209 16.28 -1.85 29.24
N LYS A 210 15.74 -1.34 28.13
CA LYS A 210 14.81 -2.12 27.33
C LYS A 210 15.50 -3.32 26.69
N LEU A 211 14.74 -4.41 26.53
CA LEU A 211 15.18 -5.61 25.83
C LEU A 211 16.44 -6.19 26.44
N THR A 212 16.37 -6.48 27.74
CA THR A 212 17.52 -7.01 28.48
C THR A 212 17.04 -8.13 29.40
N LEU A 213 18.02 -8.87 29.93
CA LEU A 213 17.77 -9.92 30.90
C LEU A 213 17.66 -9.29 32.27
N CYS A 214 16.43 -9.06 32.72
CA CYS A 214 16.22 -8.44 34.02
C CYS A 214 16.55 -9.42 35.14
N GLY A 215 17.08 -8.88 36.23
CA GLY A 215 17.42 -9.69 37.39
C GLY A 215 16.84 -9.09 38.65
N HIS A 216 16.41 -9.97 39.55
CA HIS A 216 15.81 -9.55 40.81
C HIS A 216 16.21 -10.51 41.91
N GLY A 217 16.28 -9.98 43.14
CA GLY A 217 16.50 -10.80 44.30
C GLY A 217 15.27 -11.51 44.82
N SER A 218 14.10 -11.19 44.29
CA SER A 218 12.86 -11.87 44.62
C SER A 218 12.13 -12.23 43.34
N PRO A 219 11.37 -13.33 43.36
CA PRO A 219 10.61 -13.72 42.17
C PRO A 219 9.31 -12.94 42.06
N SER A 220 8.63 -13.18 40.93
CA SER A 220 7.30 -12.62 40.66
C SER A 220 7.31 -11.10 40.67
N GLN A 221 8.41 -10.49 40.25
CA GLN A 221 8.51 -9.04 40.14
C GLN A 221 8.38 -8.62 38.69
N ASP A 222 7.60 -7.56 38.46
CA ASP A 222 7.30 -7.10 37.11
C ASP A 222 8.36 -6.10 36.66
N PRO A 223 9.06 -6.35 35.54
CA PRO A 223 10.00 -5.33 35.03
C PRO A 223 9.33 -4.00 34.71
N ALA A 224 8.06 -4.01 34.31
CA ALA A 224 7.39 -2.78 33.90
C ALA A 224 7.30 -1.78 35.04
N THR A 225 7.27 -2.25 36.29
CA THR A 225 7.22 -1.38 37.46
C THR A 225 8.54 -1.44 38.23
N ALA A 226 8.86 -2.57 38.84
CA ALA A 226 10.10 -2.70 39.60
C ALA A 226 11.31 -2.63 38.68
N SER A 227 12.35 -1.92 39.13
CA SER A 227 13.59 -1.80 38.39
C SER A 227 14.43 -3.07 38.52
N CYS A 228 15.24 -3.33 37.50
CA CYS A 228 16.15 -4.47 37.48
C CYS A 228 17.38 -4.22 38.36
N GLN A 229 18.00 -5.32 38.78
CA GLN A 229 19.18 -5.26 39.64
C GLN A 229 20.17 -6.34 39.21
N ASN A 230 21.42 -6.19 39.64
CA ASN A 230 22.50 -7.11 39.30
C ASN A 230 22.39 -8.36 40.18
N SER A 231 21.41 -9.20 39.85
CA SER A 231 21.16 -10.41 40.61
C SER A 231 20.76 -11.54 39.68
N GLN A 232 21.24 -12.75 39.99
CA GLN A 232 20.88 -13.95 39.27
C GLN A 232 19.95 -14.85 40.07
N ALA A 233 19.52 -14.41 41.26
CA ALA A 233 18.63 -15.24 42.07
C ALA A 233 17.28 -15.44 41.39
N ASN A 234 16.81 -14.43 40.66
CA ASN A 234 15.56 -14.54 39.91
C ASN A 234 15.70 -13.83 38.58
N LEU A 235 15.26 -14.48 37.52
CA LEU A 235 15.50 -14.03 36.16
C LEU A 235 14.19 -13.66 35.48
N GLY A 236 14.23 -12.60 34.68
CA GLY A 236 13.07 -12.15 33.92
C GLY A 236 13.51 -11.42 32.68
N ILE A 237 12.56 -10.87 31.93
CA ILE A 237 12.87 -10.24 30.65
C ILE A 237 12.27 -8.85 30.64
N LYS A 238 13.11 -7.83 30.51
CA LYS A 238 12.64 -6.45 30.34
C LYS A 238 12.52 -6.20 28.84
N GLY A 239 11.29 -6.14 28.34
CA GLY A 239 11.03 -5.97 26.94
C GLY A 239 11.04 -4.52 26.50
N GLY A 240 10.56 -4.30 25.29
CA GLY A 240 10.48 -2.96 24.75
C GLY A 240 9.86 -3.02 23.37
N SER A 241 9.75 -1.85 22.75
CA SER A 241 9.22 -1.80 21.40
C SER A 241 10.14 -2.55 20.44
N PHE A 242 9.54 -3.40 19.60
CA PHE A 242 10.31 -4.17 18.65
C PHE A 242 10.72 -3.36 17.42
N ILE A 243 10.00 -2.29 17.11
CA ILE A 243 10.23 -1.49 15.91
C ILE A 243 10.05 -0.02 16.26
N VAL A 244 10.95 0.81 15.74
CA VAL A 244 10.90 2.25 15.91
C VAL A 244 10.60 2.91 14.57
N LYS A 245 10.07 4.13 14.66
CA LYS A 245 9.62 4.89 13.50
C LYS A 245 10.78 5.69 12.92
N HIS A 246 11.15 5.38 11.67
CA HIS A 246 12.19 6.12 10.97
C HIS A 246 11.54 7.11 10.00
N GLN A 247 11.94 8.38 10.09
CA GLN A 247 11.47 9.39 9.17
C GLN A 247 12.22 9.32 7.84
N MET A 248 11.56 9.79 6.78
CA MET A 248 12.18 9.91 5.47
C MET A 248 11.57 11.14 4.78
N GLN A 249 12.42 11.90 4.11
CA GLN A 249 11.99 13.10 3.40
C GLN A 249 12.24 12.93 1.91
N THR A 250 11.35 13.53 1.09
CA THR A 250 11.49 13.50 -0.36
C THR A 250 11.00 14.83 -0.94
N THR A 251 11.82 15.87 -0.76
CA THR A 251 11.46 17.20 -1.25
C THR A 251 11.36 17.19 -2.77
N ARG A 252 10.30 17.83 -3.29
CA ARG A 252 10.06 17.85 -4.72
C ARG A 252 10.70 19.07 -5.37
N THR A 254 10.15 20.67 -9.19
CA THR A 254 9.22 20.75 -10.30
C THR A 254 9.78 21.57 -11.46
N THR A 255 11.04 21.30 -11.82
CA THR A 255 11.66 21.98 -12.95
C THR A 255 11.10 21.48 -14.27
N GLY A 256 11.10 22.35 -15.28
CA GLY A 256 10.62 21.99 -16.59
C GLY A 256 9.21 22.49 -16.90
N SER A 260 10.77 14.73 -11.64
CA SER A 260 11.79 14.81 -10.60
C SER A 260 11.16 14.86 -9.21
N TYR A 261 11.42 13.83 -8.40
CA TYR A 261 10.83 13.72 -7.07
C TYR A 261 11.87 13.16 -6.09
N SER A 262 12.99 13.89 -5.94
CA SER A 262 14.01 13.59 -4.95
C SER A 262 14.58 12.18 -5.07
N ALA A 263 15.28 11.75 -4.03
CA ALA A 263 15.85 10.40 -3.98
C ALA A 263 16.08 10.06 -2.51
N ILE A 264 15.34 9.08 -2.00
CA ILE A 264 15.49 8.64 -0.63
C ILE A 264 16.63 7.63 -0.55
N ALA A 265 17.59 7.89 0.34
CA ALA A 265 18.75 7.01 0.46
C ALA A 265 18.33 5.63 0.96
N SER A 266 18.87 4.60 0.32
CA SER A 266 18.55 3.23 0.70
C SER A 266 19.13 2.90 2.06
N GLU A 267 18.40 2.08 2.82
CA GLU A 267 18.72 1.85 4.22
C GLU A 267 18.76 0.37 4.56
N ASP A 268 18.51 0.05 5.83
CA ASP A 268 18.34 -1.31 6.31
C ASP A 268 17.02 -1.43 7.05
N THR A 269 16.01 -0.72 6.57
CA THR A 269 14.68 -0.66 7.18
C THR A 269 13.67 -1.26 6.21
N VAL A 270 12.41 -1.33 6.65
CA VAL A 270 11.31 -1.81 5.82
C VAL A 270 10.21 -0.75 5.79
N PRO A 271 9.80 -0.25 4.61
CA PRO A 271 10.41 -0.46 3.28
C PRO A 271 11.82 0.10 3.14
N ASN A 272 12.66 -0.57 2.35
CA ASN A 272 13.98 -0.05 2.04
C ASN A 272 13.86 1.11 1.05
N GLY A 273 14.90 1.95 1.02
CA GLY A 273 14.83 3.16 0.21
C GLY A 273 14.67 2.91 -1.27
N ASP A 274 15.15 1.76 -1.76
CA ASP A 274 15.02 1.45 -3.18
C ASP A 274 13.55 1.34 -3.59
N THR A 275 12.73 0.73 -2.72
CA THR A 275 11.32 0.56 -3.05
C THR A 275 10.58 1.89 -3.04
N ILE A 276 10.83 2.71 -2.01
CA ILE A 276 10.18 4.01 -1.94
C ILE A 276 10.61 4.88 -3.11
N THR A 277 11.87 4.75 -3.54
CA THR A 277 12.33 5.52 -4.68
C THR A 277 11.64 5.05 -5.97
N ALA A 278 11.51 3.74 -6.15
CA ALA A 278 10.84 3.22 -7.33
C ALA A 278 9.38 3.65 -7.37
N GLN A 279 8.75 3.84 -6.21
CA GLN A 279 7.38 4.34 -6.22
C GLN A 279 7.31 5.85 -6.46
N LEU A 280 8.26 6.60 -5.92
CA LEU A 280 8.27 8.05 -6.13
C LEU A 280 8.50 8.41 -7.60
N THR A 281 9.31 7.62 -8.31
CA THR A 281 9.53 7.91 -9.72
C THR A 281 8.27 7.75 -10.55
N GLU A 282 7.34 6.89 -10.11
CA GLU A 282 6.05 6.78 -10.78
C GLU A 282 5.08 7.87 -10.34
N ILE A 283 5.16 8.29 -9.07
CA ILE A 283 4.34 9.41 -8.63
C ILE A 283 4.69 10.67 -9.42
N ALA A 284 5.95 10.82 -9.81
CA ALA A 284 6.32 11.95 -10.66
C ALA A 284 5.61 11.88 -12.01
N LYS A 285 5.47 10.67 -12.58
CA LYS A 285 4.69 10.52 -13.80
C LYS A 285 3.23 10.89 -13.58
N LEU A 286 2.70 10.58 -12.40
CA LEU A 286 1.31 10.96 -12.12
C LEU A 286 1.14 12.48 -12.11
N GLU A 287 2.06 13.18 -11.45
CA GLU A 287 1.93 14.64 -11.41
C GLU A 287 2.15 15.26 -12.79
N ASN A 288 3.02 14.67 -13.61
CA ASN A 288 3.17 15.18 -14.98
C ASN A 288 1.90 14.96 -15.79
N ALA A 289 1.26 13.80 -15.63
CA ALA A 289 -0.01 13.57 -16.30
C ALA A 289 -1.10 14.51 -15.81
N VAL A 290 -1.06 14.89 -14.53
CA VAL A 290 -2.05 15.84 -14.02
C VAL A 290 -1.82 17.23 -14.61
N GLN A 291 -0.55 17.64 -14.72
CA GLN A 291 -0.27 18.92 -15.38
C GLN A 291 -0.71 18.89 -16.84
N ALA A 292 -0.60 17.73 -17.49
CA ALA A 292 -1.08 17.64 -18.88
C ALA A 292 -2.61 17.70 -18.94
N LEU A 293 -3.28 17.03 -18.00
CA LEU A 293 -4.75 16.99 -18.02
C LEU A 293 -5.34 18.36 -17.73
N GLN A 294 -4.73 19.11 -16.82
CA GLN A 294 -5.25 20.45 -16.52
C GLN A 294 -5.05 21.42 -17.67
N ASN A 295 -4.10 21.15 -18.57
CA ASN A 295 -3.78 22.08 -19.64
C ASN A 295 -4.84 22.08 -20.74
N VAL A 296 -5.69 21.06 -20.82
CA VAL A 296 -6.80 21.11 -21.77
C VAL A 296 -7.78 22.20 -21.33
N HIS A 297 -8.34 22.90 -22.31
CA HIS A 297 -9.21 24.03 -22.02
C HIS A 297 -10.47 23.92 -22.87
N GLU A 298 -11.61 24.21 -22.24
CA GLU A 298 -12.88 24.27 -22.94
C GLU A 298 -13.61 25.53 -22.50
N ALA B 33 -5.44 -19.60 -9.03
CA ALA B 33 -5.04 -18.42 -8.27
C ALA B 33 -3.56 -18.48 -7.91
N GLN B 34 -3.10 -19.67 -7.52
CA GLN B 34 -1.67 -20.00 -7.29
C GLN B 34 -0.98 -18.95 -6.40
N ILE B 35 -1.72 -18.43 -5.43
CA ILE B 35 -1.17 -17.46 -4.48
C ILE B 35 -0.72 -18.22 -3.24
N ASN B 36 0.60 -18.26 -3.02
CA ASN B 36 1.17 -18.99 -1.89
C ASN B 36 1.94 -18.11 -0.91
N THR B 37 2.42 -16.94 -1.32
CA THR B 37 3.16 -16.04 -0.47
C THR B 37 2.50 -14.66 -0.53
N PRO B 38 2.66 -13.84 0.51
CA PRO B 38 2.03 -12.51 0.50
C PRO B 38 2.48 -11.67 -0.68
N CYS B 39 3.73 -11.83 -1.11
CA CYS B 39 4.22 -11.08 -2.26
C CYS B 39 3.48 -11.46 -3.54
N ASP B 40 3.00 -12.71 -3.63
CA ASP B 40 2.29 -13.14 -4.84
C ASP B 40 0.91 -12.51 -4.94
N ALA B 41 0.25 -12.24 -3.81
CA ALA B 41 -1.06 -11.60 -3.85
C ALA B 41 -0.96 -10.19 -4.41
N SER B 42 0.18 -9.52 -4.17
CA SER B 42 0.37 -8.19 -4.73
C SER B 42 0.42 -8.26 -6.26
N HIS B 43 1.11 -9.26 -6.80
CA HIS B 43 1.15 -9.41 -8.25
C HIS B 43 -0.21 -9.80 -8.82
N TYR B 44 -1.00 -10.58 -8.08
CA TYR B 44 -2.35 -10.88 -8.55
C TYR B 44 -3.19 -9.61 -8.61
N ALA B 45 -3.14 -8.79 -7.56
CA ALA B 45 -3.88 -7.53 -7.57
C ALA B 45 -3.37 -6.59 -8.65
N ALA B 46 -2.06 -6.62 -8.93
CA ALA B 46 -1.52 -5.79 -9.99
C ALA B 46 -2.03 -6.23 -11.36
N ALA B 47 -2.16 -7.54 -11.57
CA ALA B 47 -2.74 -8.02 -12.82
C ALA B 47 -4.18 -7.59 -12.95
N VAL B 48 -4.93 -7.62 -11.84
CA VAL B 48 -6.31 -7.15 -11.89
C VAL B 48 -6.36 -5.66 -12.24
N ALA B 49 -5.43 -4.88 -11.68
CA ALA B 49 -5.39 -3.45 -12.00
C ALA B 49 -5.03 -3.22 -13.46
N ASP B 50 -4.15 -4.05 -14.02
CA ASP B 50 -3.82 -3.90 -15.42
C ASP B 50 -5.01 -4.21 -16.31
N ASN B 51 -5.81 -5.22 -15.94
CA ASN B 51 -7.03 -5.49 -16.71
C ASN B 51 -8.01 -4.33 -16.63
N ALA B 52 -8.11 -3.70 -15.45
CA ALA B 52 -9.01 -2.57 -15.31
C ALA B 52 -8.56 -1.38 -16.17
N VAL B 53 -7.25 -1.08 -16.16
CA VAL B 53 -6.77 0.01 -16.99
C VAL B 53 -6.91 -0.32 -18.47
N SER B 54 -6.82 -1.60 -18.83
CA SER B 54 -7.06 -1.98 -20.22
C SER B 54 -8.49 -1.68 -20.62
N ALA B 55 -9.46 -2.01 -19.76
CA ALA B 55 -10.86 -1.70 -20.08
C ALA B 55 -11.08 -0.20 -20.17
N PHE B 56 -10.41 0.57 -19.30
CA PHE B 56 -10.57 2.02 -19.33
C PHE B 56 -10.04 2.61 -20.62
N GLU B 57 -8.84 2.18 -21.02
CA GLU B 57 -8.25 2.70 -22.25
C GLU B 57 -9.06 2.29 -23.48
N GLN B 58 -9.64 1.09 -23.47
CA GLN B 58 -10.47 0.67 -24.60
C GLN B 58 -11.73 1.53 -24.70
N ALA B 59 -12.34 1.86 -23.56
CA ALA B 59 -13.53 2.72 -23.62
C ALA B 59 -13.17 4.11 -24.10
N LEU B 60 -12.06 4.66 -23.61
CA LEU B 60 -11.64 5.99 -24.06
C LEU B 60 -11.31 5.99 -25.55
N GLY B 61 -10.74 4.90 -26.05
CA GLY B 61 -10.43 4.84 -27.47
C GLY B 61 -11.68 4.72 -28.32
N ARG B 62 -12.69 3.98 -27.83
CA ARG B 62 -13.94 3.92 -28.57
C ARG B 62 -14.62 5.29 -28.63
N ALA B 63 -14.56 6.05 -27.53
CA ALA B 63 -15.09 7.40 -27.57
C ALA B 63 -14.29 8.29 -28.54
N GLN B 64 -12.97 8.09 -28.57
CA GLN B 64 -12.13 8.85 -29.50
C GLN B 64 -12.50 8.54 -30.95
N ASP B 65 -12.76 7.27 -31.25
CA ASP B 65 -13.13 6.90 -32.62
C ASP B 65 -14.47 7.51 -33.00
N ALA B 66 -15.45 7.47 -32.08
CA ALA B 66 -16.74 8.06 -32.40
C ALA B 66 -16.63 9.56 -32.63
N THR B 67 -15.79 10.24 -31.85
CA THR B 67 -15.65 11.68 -32.01
C THR B 67 -14.99 12.05 -33.33
N VAL B 68 -13.88 11.37 -33.65
CA VAL B 68 -13.21 11.67 -34.92
C VAL B 68 -14.11 11.33 -36.09
N ALA B 69 -14.91 10.27 -35.97
CA ALA B 69 -15.82 9.92 -37.06
C ALA B 69 -16.88 10.98 -37.26
N ALA B 70 -17.46 11.49 -36.16
CA ALA B 70 -18.46 12.55 -36.30
C ALA B 70 -17.85 13.80 -36.91
N ASN B 71 -16.63 14.14 -36.49
CA ASN B 71 -16.00 15.36 -36.97
C ASN B 71 -15.72 15.28 -38.47
N LYS B 72 -15.00 14.25 -38.90
CA LYS B 72 -14.65 14.12 -40.31
C LYS B 72 -15.89 13.86 -41.17
N LEU B 73 -16.89 13.16 -40.64
CA LEU B 73 -18.11 12.90 -41.42
C LEU B 73 -18.88 14.20 -41.65
N HIS B 74 -18.92 15.09 -40.66
CA HIS B 74 -19.56 16.38 -40.89
C HIS B 74 -18.78 17.22 -41.88
N LEU B 75 -17.45 17.22 -41.78
CA LEU B 75 -16.66 18.00 -42.73
C LEU B 75 -16.79 17.46 -44.15
N LEU B 76 -16.97 16.15 -44.31
CA LEU B 76 -17.19 15.60 -45.65
C LEU B 76 -18.59 15.91 -46.16
N ALA B 77 -19.60 15.81 -45.28
CA ALA B 77 -20.96 16.08 -45.71
C ALA B 77 -21.12 17.54 -46.14
N SER B 78 -20.32 18.45 -45.58
CA SER B 78 -20.37 19.83 -46.05
C SER B 78 -19.90 19.95 -47.50
N LYS B 79 -19.05 19.04 -47.96
CA LYS B 79 -18.47 19.10 -49.31
C LYS B 79 -19.31 18.38 -50.36
N LEU B 80 -20.47 17.85 -50.00
CA LEU B 80 -21.27 17.07 -50.92
C LEU B 80 -22.45 17.89 -51.44
N ALA B 81 -23.38 17.22 -52.13
CA ALA B 81 -24.58 17.86 -52.66
C ALA B 81 -25.65 16.80 -52.84
N GLY B 82 -26.90 17.24 -52.78
CA GLY B 82 -28.02 16.32 -52.94
C GLY B 82 -28.28 15.51 -51.69
N ALA B 83 -29.11 14.47 -51.86
CA ALA B 83 -29.45 13.60 -50.74
C ALA B 83 -28.22 12.86 -50.20
N GLN B 84 -27.19 12.69 -51.02
CA GLN B 84 -25.95 12.10 -50.52
C GLN B 84 -25.37 12.92 -49.37
N LYS B 85 -25.59 14.23 -49.40
CA LYS B 85 -25.24 15.06 -48.24
C LYS B 85 -26.14 14.71 -47.05
N ALA B 86 -27.46 14.65 -47.28
CA ALA B 86 -28.38 14.37 -46.19
C ALA B 86 -28.19 12.97 -45.65
N ALA B 87 -27.81 12.02 -46.50
CA ALA B 87 -27.50 10.69 -46.03
C ALA B 87 -26.24 10.68 -45.17
N THR B 88 -25.30 11.58 -45.44
CA THR B 88 -24.06 11.60 -44.67
C THR B 88 -24.26 12.29 -43.33
N THR B 89 -24.91 13.46 -43.32
CA THR B 89 -25.09 14.21 -42.09
C THR B 89 -25.84 13.38 -41.06
N ILE B 90 -26.87 12.66 -41.50
CA ILE B 90 -27.58 11.77 -40.60
C ILE B 90 -26.60 10.83 -39.91
N LEU B 91 -25.79 10.13 -40.73
CA LEU B 91 -24.80 9.23 -40.14
C LEU B 91 -23.83 10.01 -39.27
N ALA B 92 -23.43 11.21 -39.72
CA ALA B 92 -22.53 12.01 -38.91
C ALA B 92 -23.17 12.35 -37.57
N ALA B 93 -24.46 12.70 -37.60
CA ALA B 93 -25.13 13.02 -36.35
C ALA B 93 -25.14 11.82 -35.43
N ALA B 94 -25.31 10.62 -36.01
CA ALA B 94 -25.26 9.42 -35.18
C ALA B 94 -23.89 9.28 -34.53
N ALA B 95 -22.84 9.49 -35.32
CA ALA B 95 -21.50 9.41 -34.77
C ALA B 95 -21.28 10.48 -33.71
N GLY B 96 -22.00 11.60 -33.82
CA GLY B 96 -21.95 12.57 -32.74
C GLY B 96 -22.65 12.05 -31.49
N ALA B 97 -23.89 11.57 -31.66
CA ALA B 97 -24.69 11.21 -30.50
C ALA B 97 -24.02 10.11 -29.70
N ALA B 98 -23.58 9.04 -30.38
CA ALA B 98 -22.92 7.95 -29.68
C ALA B 98 -21.67 8.46 -28.98
N ALA B 99 -20.94 9.38 -29.61
CA ALA B 99 -19.76 9.93 -28.96
C ALA B 99 -20.16 10.64 -27.67
N ALA B 100 -21.21 11.46 -27.74
CA ALA B 100 -21.69 12.13 -26.55
C ALA B 100 -22.16 11.14 -25.51
N ASP B 101 -22.69 9.99 -25.96
CA ASP B 101 -23.07 8.97 -24.99
C ASP B 101 -21.84 8.37 -24.32
N ALA B 102 -20.79 8.10 -25.10
CA ALA B 102 -19.67 7.33 -24.58
C ALA B 102 -19.01 8.05 -23.41
N ILE B 103 -18.68 9.33 -23.60
CA ILE B 103 -18.10 10.12 -22.53
C ILE B 103 -19.05 10.15 -21.34
N GLN B 104 -20.36 10.29 -21.61
CA GLN B 104 -21.33 10.34 -20.53
C GLN B 104 -21.30 9.06 -19.72
N LYS B 105 -21.02 7.93 -20.37
CA LYS B 105 -20.87 6.70 -19.61
C LYS B 105 -19.53 6.67 -18.89
N ILE B 106 -18.46 7.04 -19.59
CA ILE B 106 -17.12 6.88 -19.04
C ILE B 106 -16.96 7.73 -17.80
N ALA B 107 -17.30 9.02 -17.90
CA ALA B 107 -17.23 9.88 -16.73
C ALA B 107 -18.15 9.39 -15.63
N ALA B 108 -19.31 8.83 -16.00
CA ALA B 108 -20.22 8.32 -14.99
C ALA B 108 -19.59 7.19 -14.20
N ALA B 109 -18.70 6.42 -14.83
CA ALA B 109 -18.00 5.36 -14.12
C ALA B 109 -16.72 5.82 -13.46
N THR B 110 -16.21 7.01 -13.82
CA THR B 110 -14.88 7.40 -13.34
C THR B 110 -14.79 7.46 -11.82
N PRO B 111 -15.75 8.06 -11.07
CA PRO B 111 -15.66 8.00 -9.60
C PRO B 111 -15.51 6.59 -9.07
N ASN B 112 -16.48 5.72 -9.38
CA ASN B 112 -16.45 4.37 -8.84
C ASN B 112 -15.24 3.60 -9.32
N PHE B 113 -14.75 3.90 -10.52
CA PHE B 113 -13.53 3.24 -11.00
C PHE B 113 -12.32 3.61 -10.14
N ALA B 114 -12.27 4.85 -9.66
CA ALA B 114 -11.09 5.27 -8.90
C ALA B 114 -11.12 4.70 -7.49
N LYS B 115 -12.27 4.77 -6.82
CA LYS B 115 -12.34 4.35 -5.42
C LYS B 115 -11.97 2.89 -5.27
N GLY B 116 -12.34 2.06 -6.24
CA GLY B 116 -11.94 0.66 -6.21
C GLY B 116 -10.55 0.42 -6.75
N PHE B 117 -10.08 1.27 -7.65
CA PHE B 117 -8.70 1.15 -8.12
C PHE B 117 -7.73 1.46 -7.01
N ALA B 118 -7.94 2.60 -6.34
CA ALA B 118 -7.04 3.02 -5.27
C ALA B 118 -6.94 1.95 -4.20
N ALA B 119 -8.08 1.49 -3.69
CA ALA B 119 -8.05 0.49 -2.64
C ALA B 119 -7.36 -0.78 -3.13
N LEU B 120 -7.55 -1.13 -4.40
CA LEU B 120 -6.86 -2.29 -4.94
C LEU B 120 -5.35 -2.10 -4.83
N ASN B 121 -4.87 -0.96 -5.32
CA ASN B 121 -3.43 -0.70 -5.24
C ASN B 121 -3.00 -0.41 -3.82
N GLU B 122 -3.94 -0.10 -2.92
CA GLU B 122 -3.60 -0.08 -1.51
C GLU B 122 -3.24 -1.48 -1.03
N ILE B 123 -4.10 -2.45 -1.36
CA ILE B 123 -3.91 -3.80 -0.82
C ILE B 123 -2.60 -4.39 -1.31
N LYS B 124 -2.34 -4.26 -2.61
CA LYS B 124 -1.05 -4.67 -3.15
C LYS B 124 0.09 -4.03 -2.40
N GLY B 125 -0.02 -2.71 -2.17
CA GLY B 125 1.08 -2.01 -1.51
C GLY B 125 1.22 -2.42 -0.07
N GLY B 126 0.14 -2.89 0.55
CA GLY B 126 0.26 -3.45 1.88
C GLY B 126 0.93 -4.81 1.87
N GLN B 127 0.61 -5.62 0.85
CA GLN B 127 1.12 -6.99 0.84
C GLN B 127 2.62 -7.02 0.59
N ILE B 128 3.17 -5.98 -0.02
CA ILE B 128 4.62 -5.89 -0.19
C ILE B 128 5.30 -5.78 1.18
N ILE B 129 4.68 -5.09 2.13
CA ILE B 129 5.31 -4.95 3.43
C ILE B 129 5.18 -6.22 4.25
N VAL B 130 3.99 -6.82 4.25
CA VAL B 130 3.76 -8.04 5.02
C VAL B 130 4.80 -9.08 4.65
N ASP B 131 4.94 -9.36 3.35
CA ASP B 131 5.95 -10.30 2.90
C ASP B 131 7.34 -9.86 3.36
N GLU B 132 7.68 -8.60 3.16
CA GLU B 132 9.01 -8.15 3.53
C GLU B 132 9.20 -8.13 5.04
N MET B 133 8.12 -8.05 5.82
CA MET B 133 8.26 -8.16 7.26
C MET B 133 8.24 -9.59 7.75
N LEU B 134 7.91 -10.56 6.89
CA LEU B 134 7.86 -11.95 7.32
C LEU B 134 9.24 -12.48 7.69
N LYS B 135 10.31 -11.87 7.18
CA LYS B 135 11.67 -12.29 7.45
C LYS B 135 12.21 -11.73 8.77
N SER B 136 11.44 -10.90 9.46
CA SER B 136 11.88 -10.40 10.76
C SER B 136 12.00 -11.55 11.75
N LYS B 137 13.02 -11.48 12.60
CA LYS B 137 13.29 -12.55 13.55
C LYS B 137 14.08 -12.00 14.72
N ILE B 138 13.96 -12.67 15.86
CA ILE B 138 14.73 -12.34 17.06
C ILE B 138 16.04 -13.14 17.02
N GLU B 139 17.17 -12.44 17.15
CA GLU B 139 18.46 -13.10 17.03
C GLU B 139 18.78 -13.93 18.27
N ASP B 140 19.60 -14.96 18.05
CA ASP B 140 20.14 -15.75 19.13
C ASP B 140 21.20 -14.96 19.91
N ALA B 141 21.34 -15.28 21.19
CA ALA B 141 22.36 -14.68 22.04
C ALA B 141 23.31 -15.77 22.52
N ALA B 142 24.61 -15.57 22.30
CA ALA B 142 25.59 -16.52 22.77
C ALA B 142 25.60 -16.56 24.30
N THR B 143 25.81 -17.76 24.84
CA THR B 143 25.77 -17.94 26.29
C THR B 143 26.92 -17.19 26.95
N VAL B 144 26.65 -16.65 28.14
CA VAL B 144 27.63 -15.94 28.95
C VAL B 144 27.48 -16.36 30.40
N ALA B 145 28.53 -16.12 31.17
CA ALA B 145 28.52 -16.49 32.59
C ALA B 145 27.42 -15.73 33.32
N ALA B 146 26.79 -16.41 34.29
CA ALA B 146 25.66 -15.81 34.99
C ALA B 146 26.06 -14.56 35.75
N ALA B 147 27.28 -14.51 36.29
CA ALA B 147 27.71 -13.35 37.07
C ALA B 147 27.79 -12.10 36.21
N SER B 148 28.01 -12.26 34.90
CA SER B 148 28.08 -11.12 34.00
C SER B 148 27.01 -11.21 32.91
N SER B 149 25.78 -11.54 33.31
CA SER B 149 24.68 -11.63 32.37
C SER B 149 23.52 -10.70 32.68
N THR B 150 23.52 -10.05 33.85
CA THR B 150 22.44 -9.15 34.25
C THR B 150 22.89 -7.70 34.37
N SER B 151 24.12 -7.38 33.99
CA SER B 151 24.60 -6.01 34.07
C SER B 151 25.78 -5.83 33.13
N GLY B 152 26.07 -4.55 32.84
CA GLY B 152 27.24 -4.22 32.05
C GLY B 152 27.04 -4.46 30.56
N ALA B 153 28.16 -4.38 29.84
CA ALA B 153 28.15 -4.63 28.40
C ALA B 153 27.84 -6.08 28.08
N THR B 154 28.03 -7.00 29.02
CA THR B 154 27.89 -8.42 28.78
C THR B 154 26.46 -8.92 28.98
N ILE B 155 25.47 -8.01 29.03
CA ILE B 155 24.09 -8.42 29.24
C ILE B 155 23.59 -9.26 28.07
N VAL B 156 22.62 -10.13 28.34
CA VAL B 156 21.95 -10.92 27.31
C VAL B 156 20.85 -10.04 26.73
N LYS B 157 21.14 -9.36 25.63
CA LYS B 157 20.17 -8.48 24.98
C LYS B 157 19.27 -9.25 24.03
N ILE B 158 18.03 -8.82 23.93
CA ILE B 158 17.07 -9.37 22.97
C ILE B 158 17.14 -8.46 21.74
N LYS B 159 17.90 -8.88 20.73
CA LYS B 159 18.21 -7.99 19.62
C LYS B 159 17.25 -8.22 18.46
N PRO B 160 16.44 -7.23 18.09
CA PRO B 160 15.63 -7.34 16.88
C PRO B 160 16.48 -7.41 15.62
N LYS B 161 15.96 -8.11 14.61
CA LYS B 161 16.63 -8.25 13.32
C LYS B 161 15.62 -8.06 12.20
N LEU B 162 15.82 -7.04 11.39
CA LEU B 162 15.08 -6.86 10.14
C LEU B 162 15.91 -7.35 8.97
N GLN B 163 15.24 -7.88 7.95
CA GLN B 163 15.89 -8.44 6.76
C GLN B 163 15.24 -7.87 5.51
N PRO B 164 15.49 -6.60 5.20
CA PRO B 164 14.95 -6.03 3.96
C PRO B 164 15.58 -6.66 2.73
N ALA B 165 14.82 -6.64 1.63
CA ALA B 165 15.32 -7.18 0.36
C ALA B 165 16.55 -6.42 -0.08
N THR B 166 17.51 -7.15 -0.66
CA THR B 166 18.80 -6.56 -1.00
C THR B 166 18.66 -5.44 -2.04
N LYS B 167 17.66 -5.52 -2.90
CA LYS B 167 17.37 -4.46 -3.85
C LYS B 167 15.94 -3.99 -3.66
N ARG B 168 15.22 -3.78 -4.75
CA ARG B 168 13.80 -3.48 -4.66
C ARG B 168 13.05 -4.67 -4.07
N ALA B 169 12.15 -4.39 -3.14
CA ALA B 169 11.35 -5.46 -2.54
C ALA B 169 10.38 -6.02 -3.57
N CYS B 170 10.24 -7.35 -3.55
CA CYS B 170 9.33 -8.08 -4.45
C CYS B 170 9.61 -7.82 -5.92
N HIS B 171 10.83 -7.38 -6.26
CA HIS B 171 11.20 -7.07 -7.64
C HIS B 171 12.55 -7.66 -7.98
N ASP B 172 12.80 -8.90 -7.54
CA ASP B 172 14.02 -9.63 -7.88
C ASP B 172 15.27 -8.83 -7.51
N GLU B 173 16.03 -8.42 -8.50
CA GLU B 173 17.22 -7.60 -8.28
C GLU B 173 17.06 -6.21 -8.90
N THR B 192 -13.58 -15.83 -4.10
CA THR B 192 -12.78 -16.11 -2.92
C THR B 192 -11.32 -15.72 -3.15
N LEU B 193 -10.84 -14.74 -2.38
CA LEU B 193 -9.49 -14.25 -2.49
C LEU B 193 -8.54 -14.99 -1.55
N THR B 194 -7.25 -14.82 -1.76
CA THR B 194 -6.20 -15.40 -0.91
C THR B 194 -5.23 -14.30 -0.51
N LEU B 195 -5.50 -13.69 0.65
CA LEU B 195 -4.64 -12.68 1.25
C LEU B 195 -3.78 -13.28 2.36
N PHE B 196 -2.85 -12.49 2.85
CA PHE B 196 -2.01 -12.90 3.97
C PHE B 196 -1.87 -11.76 4.97
N SER B 197 -1.63 -12.14 6.23
CA SER B 197 -1.54 -11.19 7.33
C SER B 197 -0.48 -11.69 8.31
N LEU B 198 -0.07 -10.81 9.22
CA LEU B 198 1.04 -11.08 10.13
C LEU B 198 0.49 -11.42 11.52
N LYS B 199 0.62 -12.69 11.91
CA LYS B 199 0.28 -13.17 13.24
C LYS B 199 1.49 -13.11 14.17
N ALA B 200 1.22 -13.02 15.46
CA ALA B 200 2.29 -13.10 16.45
C ALA B 200 2.80 -14.53 16.60
N GLU B 201 4.11 -14.66 16.82
CA GLU B 201 4.73 -15.96 17.09
C GLU B 201 4.47 -16.41 18.53
N THR B 202 4.38 -17.74 18.72
CA THR B 202 4.17 -18.33 20.03
C THR B 202 5.45 -18.98 20.54
N PRO B 203 5.99 -18.53 21.68
CA PRO B 203 7.19 -19.16 22.24
C PRO B 203 6.92 -20.58 22.71
N GLY B 204 7.98 -21.39 22.71
CA GLY B 204 7.87 -22.77 23.12
C GLY B 204 7.70 -22.93 24.62
N THR B 205 7.41 -24.18 25.03
CA THR B 205 7.06 -24.48 26.41
C THR B 205 8.15 -25.18 27.22
N THR B 206 9.22 -25.66 26.57
CA THR B 206 10.27 -26.37 27.30
C THR B 206 11.66 -25.88 26.93
N THR B 207 12.68 -26.62 27.35
CA THR B 207 14.05 -26.30 26.99
C THR B 207 14.31 -26.64 25.52
N ASP B 208 15.24 -25.90 24.91
CA ASP B 208 15.58 -26.05 23.49
C ASP B 208 14.35 -25.85 22.60
N GLN B 209 13.64 -24.75 22.86
CA GLN B 209 12.49 -24.37 22.06
C GLN B 209 12.62 -22.90 21.67
N LYS B 210 11.85 -22.51 20.66
CA LYS B 210 11.97 -21.16 20.10
C LYS B 210 11.55 -20.10 21.12
N LEU B 211 12.24 -18.97 21.07
CA LEU B 211 11.94 -17.79 21.90
C LEU B 211 11.96 -18.13 23.39
N THR B 212 13.10 -18.68 23.82
CA THR B 212 13.25 -19.07 25.22
C THR B 212 14.62 -18.65 25.74
N LEU B 213 14.75 -18.64 27.06
CA LEU B 213 16.04 -18.45 27.71
C LEU B 213 16.83 -19.76 27.62
N CYS B 214 18.02 -19.70 27.03
CA CYS B 214 18.84 -20.87 26.77
C CYS B 214 19.85 -21.03 27.89
N GLY B 215 19.74 -22.11 28.65
CA GLY B 215 20.73 -22.44 29.66
C GLY B 215 21.80 -23.37 29.09
N HIS B 216 23.03 -23.20 29.56
CA HIS B 216 24.12 -24.06 29.14
C HIS B 216 25.20 -24.07 30.21
N GLY B 217 25.92 -25.19 30.28
CA GLY B 217 27.02 -25.36 31.21
C GLY B 217 28.35 -24.82 30.75
N SER B 218 28.45 -24.33 29.52
CA SER B 218 29.69 -23.78 29.01
C SER B 218 29.43 -22.42 28.37
N PRO B 219 30.40 -21.52 28.41
CA PRO B 219 30.22 -20.19 27.82
C PRO B 219 30.48 -20.19 26.32
N SER B 220 30.16 -19.05 25.70
CA SER B 220 30.46 -18.79 24.29
C SER B 220 29.83 -19.82 23.36
N GLN B 221 28.69 -20.37 23.74
CA GLN B 221 27.94 -21.29 22.89
C GLN B 221 26.84 -20.55 22.14
N ASP B 222 26.72 -20.85 20.85
CA ASP B 222 25.69 -20.26 20.01
C ASP B 222 24.49 -21.18 19.92
N PRO B 223 23.28 -20.69 20.21
CA PRO B 223 22.10 -21.56 20.15
C PRO B 223 21.86 -22.19 18.79
N ALA B 224 22.26 -21.51 17.70
CA ALA B 224 22.04 -22.09 16.37
C ALA B 224 22.75 -23.42 16.20
N THR B 225 23.87 -23.64 16.90
CA THR B 225 24.58 -24.91 16.85
C THR B 225 24.50 -25.72 18.15
N ALA B 226 24.65 -25.08 19.30
CA ALA B 226 24.47 -25.76 20.58
C ALA B 226 22.99 -25.92 20.91
N SER B 227 22.68 -26.95 21.69
CA SER B 227 21.34 -27.13 22.22
C SER B 227 21.26 -26.68 23.68
N CYS B 228 20.11 -26.11 24.05
CA CYS B 228 19.91 -25.65 25.42
C CYS B 228 19.76 -26.82 26.39
N GLN B 229 20.09 -26.55 27.65
CA GLN B 229 19.97 -27.54 28.70
C GLN B 229 19.58 -26.84 30.00
N ASN B 230 18.95 -27.59 30.91
CA ASN B 230 18.47 -27.00 32.15
C ASN B 230 19.64 -26.71 33.07
N SER B 231 20.43 -25.70 32.73
CA SER B 231 21.57 -25.29 33.54
C SER B 231 21.59 -23.77 33.61
N GLN B 232 21.62 -23.24 34.83
CA GLN B 232 21.63 -21.80 35.06
C GLN B 232 23.04 -21.22 35.16
N ALA B 233 24.07 -22.05 34.92
CA ALA B 233 25.45 -21.55 34.98
C ALA B 233 25.74 -20.54 33.88
N ASN B 234 25.20 -20.76 32.68
CA ASN B 234 25.44 -19.89 31.54
C ASN B 234 24.13 -19.59 30.84
N LEU B 235 23.96 -18.34 30.45
CA LEU B 235 22.67 -17.82 29.97
C LEU B 235 22.81 -17.26 28.56
N GLY B 236 21.81 -17.54 27.73
CA GLY B 236 21.73 -17.01 26.40
C GLY B 236 20.28 -16.97 25.98
N ILE B 237 20.06 -16.74 24.69
CA ILE B 237 18.71 -16.59 24.14
C ILE B 237 18.58 -17.45 22.89
N LYS B 238 17.55 -18.31 22.86
CA LYS B 238 17.16 -19.01 21.64
C LYS B 238 15.99 -18.23 21.03
N GLY B 239 16.28 -17.50 19.97
CA GLY B 239 15.30 -16.68 19.31
C GLY B 239 14.58 -17.41 18.19
N GLY B 240 13.99 -16.63 17.30
CA GLY B 240 13.25 -17.19 16.18
C GLY B 240 12.49 -16.10 15.47
N SER B 241 11.60 -16.51 14.58
CA SER B 241 10.78 -15.56 13.84
C SER B 241 9.89 -14.79 14.80
N PHE B 242 9.81 -13.48 14.60
CA PHE B 242 8.97 -12.62 15.43
C PHE B 242 7.50 -12.71 15.03
N ILE B 243 7.20 -13.05 13.78
CA ILE B 243 5.84 -13.05 13.27
C ILE B 243 5.68 -14.17 12.25
N VAL B 244 4.46 -14.71 12.20
CA VAL B 244 4.11 -15.83 11.34
C VAL B 244 3.13 -15.35 10.29
N LYS B 245 3.06 -16.11 9.20
CA LYS B 245 2.04 -15.86 8.18
C LYS B 245 0.67 -16.34 8.67
N HIS B 246 -0.37 -15.69 8.15
CA HIS B 246 -1.76 -16.04 8.47
C HIS B 246 -2.60 -15.87 7.22
N GLN B 247 -3.18 -16.94 6.73
CA GLN B 247 -3.97 -16.86 5.50
C GLN B 247 -5.30 -16.16 5.75
N MET B 248 -5.81 -15.51 4.71
CA MET B 248 -7.06 -14.77 4.76
C MET B 248 -7.81 -15.01 3.46
N GLN B 249 -9.14 -14.95 3.53
CA GLN B 249 -9.96 -15.28 2.38
C GLN B 249 -11.23 -14.43 2.36
N THR B 250 -11.85 -14.38 1.18
CA THR B 250 -13.07 -13.61 0.97
C THR B 250 -14.04 -14.49 0.18
N THR B 251 -14.92 -13.87 -0.62
CA THR B 251 -15.81 -14.62 -1.52
C THR B 251 -16.18 -13.71 -2.68
N ARG B 252 -16.22 -14.30 -3.88
CA ARG B 252 -16.49 -13.50 -5.08
C ARG B 252 -17.89 -12.90 -5.04
N THR B 253 -18.83 -13.54 -4.36
CA THR B 253 -20.18 -13.02 -4.25
C THR B 253 -20.35 -12.23 -2.94
N TYR B 261 -18.36 -8.98 -1.77
CA TYR B 261 -17.25 -9.61 -1.07
C TYR B 261 -17.63 -9.88 0.39
N SER B 262 -17.67 -11.16 0.76
CA SER B 262 -17.99 -11.52 2.14
C SER B 262 -16.98 -10.91 3.09
N ALA B 263 -17.46 -10.29 4.17
CA ALA B 263 -16.57 -9.65 5.11
C ALA B 263 -15.75 -10.70 5.85
N ILE B 264 -14.42 -10.61 5.72
CA ILE B 264 -13.56 -11.56 6.39
C ILE B 264 -13.65 -11.36 7.90
N ALA B 265 -13.58 -12.45 8.66
CA ALA B 265 -13.66 -12.36 10.10
C ALA B 265 -12.54 -11.49 10.64
N SER B 266 -12.89 -10.62 11.60
CA SER B 266 -11.92 -9.70 12.17
C SER B 266 -10.84 -10.47 12.92
N GLU B 267 -9.62 -9.94 12.87
CA GLU B 267 -8.44 -10.65 13.32
C GLU B 267 -7.87 -10.02 14.59
N ASP B 268 -6.88 -10.72 15.15
CA ASP B 268 -5.96 -10.15 16.12
C ASP B 268 -4.62 -9.77 15.48
N THR B 269 -4.58 -9.71 14.16
CA THR B 269 -3.35 -9.57 13.38
C THR B 269 -3.30 -8.23 12.66
N VAL B 270 -2.15 -7.95 12.07
CA VAL B 270 -1.91 -6.79 11.23
C VAL B 270 -1.62 -7.28 9.82
N PRO B 271 -2.37 -6.84 8.79
CA PRO B 271 -3.49 -5.89 8.79
C PRO B 271 -4.71 -6.35 9.56
N ASN B 272 -5.42 -5.39 10.16
CA ASN B 272 -6.64 -5.70 10.88
C ASN B 272 -7.73 -6.18 9.90
N GLY B 273 -8.62 -7.02 10.41
CA GLY B 273 -9.68 -7.54 9.56
C GLY B 273 -10.60 -6.45 9.05
N ASP B 274 -10.87 -5.44 9.89
CA ASP B 274 -11.72 -4.33 9.46
C ASP B 274 -11.08 -3.53 8.33
N THR B 275 -9.76 -3.39 8.35
CA THR B 275 -9.08 -2.59 7.33
C THR B 275 -9.14 -3.27 5.98
N ILE B 276 -8.74 -4.54 5.93
CA ILE B 276 -8.79 -5.29 4.68
C ILE B 276 -10.23 -5.47 4.23
N THR B 277 -11.19 -5.50 5.17
CA THR B 277 -12.59 -5.59 4.80
C THR B 277 -13.06 -4.31 4.12
N ALA B 278 -12.70 -3.15 4.69
CA ALA B 278 -13.11 -1.88 4.10
C ALA B 278 -12.48 -1.68 2.73
N GLN B 279 -11.27 -2.21 2.51
CA GLN B 279 -10.66 -2.09 1.19
C GLN B 279 -11.33 -3.04 0.18
N LEU B 280 -11.64 -4.26 0.63
CA LEU B 280 -12.32 -5.20 -0.24
C LEU B 280 -13.71 -4.71 -0.62
N THR B 281 -14.32 -3.89 0.25
CA THR B 281 -15.62 -3.33 -0.09
C THR B 281 -15.54 -2.43 -1.32
N GLU B 282 -14.45 -1.65 -1.45
CA GLU B 282 -14.30 -0.76 -2.59
C GLU B 282 -13.85 -1.51 -3.84
N ILE B 283 -13.16 -2.64 -3.67
CA ILE B 283 -12.77 -3.40 -4.86
C ILE B 283 -14.00 -3.83 -5.66
N ALA B 284 -15.14 -4.04 -4.98
CA ALA B 284 -16.37 -4.36 -5.69
C ALA B 284 -16.84 -3.21 -6.57
N LYS B 285 -16.69 -1.97 -6.09
CA LYS B 285 -16.99 -0.82 -6.94
C LYS B 285 -16.07 -0.77 -8.14
N LEU B 286 -14.82 -1.21 -7.94
CA LEU B 286 -13.90 -1.26 -9.08
C LEU B 286 -14.42 -2.21 -10.16
N GLU B 287 -14.83 -3.41 -9.75
CA GLU B 287 -15.34 -4.35 -10.74
C GLU B 287 -16.64 -3.86 -11.38
N ASN B 288 -17.48 -3.15 -10.63
CA ASN B 288 -18.71 -2.62 -11.21
C ASN B 288 -18.40 -1.59 -12.28
N ALA B 289 -17.48 -0.67 -11.99
CA ALA B 289 -17.10 0.32 -13.00
C ALA B 289 -16.42 -0.34 -14.20
N VAL B 290 -15.68 -1.43 -13.98
CA VAL B 290 -15.07 -2.12 -15.10
C VAL B 290 -16.13 -2.74 -16.00
N GLN B 291 -17.18 -3.30 -15.41
CA GLN B 291 -18.27 -3.84 -16.23
C GLN B 291 -19.00 -2.73 -16.99
N ALA B 292 -19.21 -1.58 -16.32
CA ALA B 292 -19.88 -0.48 -17.00
C ALA B 292 -19.03 0.05 -18.15
N LEU B 293 -17.72 0.10 -17.98
CA LEU B 293 -16.84 0.49 -19.08
C LEU B 293 -16.82 -0.55 -20.19
N GLN B 294 -17.02 -1.82 -19.84
CA GLN B 294 -17.10 -2.86 -20.87
C GLN B 294 -18.42 -2.86 -21.60
N ASN B 295 -19.44 -2.18 -21.08
CA ASN B 295 -20.73 -2.08 -21.76
C ASN B 295 -20.94 -0.74 -22.45
N VAL B 296 -19.89 -0.14 -22.99
CA VAL B 296 -20.02 1.06 -23.83
C VAL B 296 -19.30 0.80 -25.15
N HIS B 297 -19.96 1.15 -26.25
CA HIS B 297 -19.46 0.89 -27.60
C HIS B 297 -20.26 1.73 -28.58
N GLU B 298 -19.74 1.82 -29.81
CA GLU B 298 -20.34 2.65 -30.85
C GLU B 298 -21.78 2.22 -31.18
#